data_8U8L
#
_entry.id   8U8L
#
_cell.length_a   37.050
_cell.length_b   116.480
_cell.length_c   118.969
_cell.angle_alpha   90.000
_cell.angle_beta   90.000
_cell.angle_gamma   90.000
#
_symmetry.space_group_name_H-M   'P 21 21 21'
#
loop_
_entity.id
_entity.type
_entity.pdbx_description
1 polymer 'Double-strand telomeric DNA-binding proteins 2'
2 polymer "DNA (5'-D(*CP*TP*GP*TP*TP*AP*GP*GP*CP*TP*TP*AP*GP*GP*CP*TP*TP*AP*G)-3')"
3 polymer "DNA (5'-D(*TP*CP*TP*AP*AP*GP*CP*CP*TP*AP*AP*GP*CP*CP*TP*AP*AP*CP*A)-3')"
4 non-polymer 'CESIUM ION'
5 water water
#
loop_
_entity_poly.entity_id
_entity_poly.type
_entity_poly.pdbx_seq_one_letter_code
_entity_poly.pdbx_strand_id
1 'polypeptide(L)'
;SKRIEKRTKFTVDDHVVAWKFIYEKLVEADKEGVQLMPKGIAFWNDFVRVTRSSKSATNWSSHFRKIMCPGLHEMPLHKK
TILYLLKNIGIEIDKETEQIIERKFNVKLLVGIDRNLISYKLLDA
;
A,B
2 'polydeoxyribonucleotide' (DC)(DT)(DG)(DT)(DT)(DA)(DG)(DG)(DC)(DT)(DT)(DA)(DG)(DG)(DC)(DT)(DT)(DA)(DG) D
3 'polydeoxyribonucleotide' (DT)(DC)(DT)(DA)(DA)(DG)(DC)(DC)(DT)(DA)(DA)(DG)(DC)(DC)(DT)(DA)(DA)(DC)(DA) C
#
# COMPACT_ATOMS: atom_id res chain seq x y z
N ILE A 4 19.16 -17.17 18.37
CA ILE A 4 17.72 -17.32 18.14
C ILE A 4 16.98 -16.12 18.71
N GLU A 5 16.29 -15.38 17.84
CA GLU A 5 15.53 -14.20 18.23
C GLU A 5 14.37 -14.54 19.16
N LYS A 6 14.49 -14.21 20.44
CA LYS A 6 13.39 -14.45 21.37
C LYS A 6 12.27 -13.43 21.13
N ARG A 7 11.03 -13.90 21.19
CA ARG A 7 9.86 -13.06 20.97
C ARG A 7 9.06 -12.93 22.25
N THR A 8 8.52 -11.74 22.48
CA THR A 8 7.75 -11.43 23.68
C THR A 8 6.32 -11.09 23.29
N LYS A 9 5.36 -11.74 23.94
CA LYS A 9 3.96 -11.51 23.62
C LYS A 9 3.50 -10.13 24.11
N PHE A 10 2.50 -9.57 23.42
CA PHE A 10 1.80 -8.42 23.95
C PHE A 10 0.98 -8.85 25.15
N THR A 11 1.05 -8.07 26.23
CA THR A 11 0.30 -8.39 27.43
C THR A 11 -1.04 -7.67 27.42
N VAL A 12 -1.89 -8.04 28.38
CA VAL A 12 -3.16 -7.35 28.56
C VAL A 12 -2.92 -5.89 28.92
N ASP A 13 -1.86 -5.62 29.68
CA ASP A 13 -1.54 -4.24 30.05
C ASP A 13 -1.17 -3.41 28.82
N ASP A 14 -0.36 -3.99 27.92
CA ASP A 14 -0.07 -3.34 26.66
C ASP A 14 -1.36 -2.94 25.95
N HIS A 15 -2.29 -3.88 25.84
CA HIS A 15 -3.53 -3.63 25.11
C HIS A 15 -4.36 -2.55 25.81
N VAL A 16 -4.41 -2.59 27.16
CA VAL A 16 -5.21 -1.61 27.89
C VAL A 16 -4.66 -0.21 27.68
N VAL A 17 -3.34 -0.04 27.83
CA VAL A 17 -2.74 1.27 27.67
C VAL A 17 -2.89 1.76 26.23
N ALA A 18 -2.69 0.87 25.25
CA ALA A 18 -2.83 1.25 23.85
C ALA A 18 -4.26 1.66 23.53
N TRP A 19 -5.24 0.91 24.03
CA TRP A 19 -6.64 1.23 23.72
C TRP A 19 -7.06 2.53 24.38
N LYS A 20 -6.59 2.80 25.61
CA LYS A 20 -6.94 4.07 26.25
C LYS A 20 -6.29 5.24 25.50
N PHE A 21 -5.04 5.06 25.07
CA PHE A 21 -4.39 6.07 24.23
C PHE A 21 -5.20 6.33 22.97
N ILE A 22 -5.65 5.26 22.31
CA ILE A 22 -6.44 5.40 21.09
C ILE A 22 -7.76 6.11 21.38
N TYR A 23 -8.38 5.81 22.51
CA TYR A 23 -9.64 6.47 22.88
C TYR A 23 -9.43 7.97 23.05
N GLU A 24 -8.40 8.36 23.80
CA GLU A 24 -8.14 9.79 24.00
C GLU A 24 -7.83 10.48 22.69
N LYS A 25 -7.06 9.81 21.82
CA LYS A 25 -6.75 10.40 20.51
C LYS A 25 -7.99 10.51 19.64
N LEU A 26 -8.92 9.55 19.73
CA LEU A 26 -10.16 9.64 18.98
C LEU A 26 -11.01 10.82 19.44
N VAL A 27 -11.08 11.02 20.76
CA VAL A 27 -11.81 12.17 21.29
C VAL A 27 -11.18 13.47 20.80
N GLU A 28 -9.84 13.54 20.84
CA GLU A 28 -9.15 14.74 20.38
C GLU A 28 -9.38 14.96 18.88
N ALA A 29 -9.38 13.88 18.10
CA ALA A 29 -9.60 14.01 16.67
C ALA A 29 -11.02 14.48 16.37
N ASP A 30 -12.00 14.01 17.14
CA ASP A 30 -13.36 14.49 16.97
C ASP A 30 -13.45 15.97 17.29
N LYS A 31 -12.80 16.42 18.37
CA LYS A 31 -12.84 17.84 18.69
C LYS A 31 -12.13 18.67 17.63
N GLU A 32 -11.05 18.15 17.05
CA GLU A 32 -10.33 18.88 16.00
C GLU A 32 -10.94 18.71 14.62
N GLY A 33 -11.96 17.86 14.47
CA GLY A 33 -12.56 17.64 13.17
C GLY A 33 -11.70 16.91 12.18
N VAL A 34 -10.70 16.16 12.65
CA VAL A 34 -9.80 15.42 11.77
C VAL A 34 -10.08 13.93 11.90
N GLN A 35 -9.58 13.18 10.93
CA GLN A 35 -9.74 11.73 10.88
C GLN A 35 -8.51 11.08 11.50
N LEU A 36 -8.72 10.26 12.52
CA LEU A 36 -7.63 9.51 13.12
C LEU A 36 -7.35 8.26 12.28
N MET A 37 -6.07 7.90 12.18
CA MET A 37 -5.65 6.77 11.37
C MET A 37 -4.77 5.85 12.21
N PRO A 38 -5.37 5.10 13.13
CA PRO A 38 -4.56 4.22 14.00
C PRO A 38 -3.95 3.03 13.28
N LYS A 39 -4.36 2.74 12.05
CA LYS A 39 -3.75 1.65 11.29
C LYS A 39 -2.55 2.12 10.47
N GLY A 40 -2.19 3.39 10.55
CA GLY A 40 -0.99 3.91 9.93
C GLY A 40 0.23 3.64 10.79
N ILE A 41 1.29 4.39 10.51
CA ILE A 41 2.56 4.24 11.21
C ILE A 41 2.88 5.45 12.08
N ALA A 42 2.48 6.65 11.64
CA ALA A 42 2.78 7.85 12.42
C ALA A 42 2.13 7.82 13.80
N PHE A 43 0.88 7.35 13.85
CA PHE A 43 0.19 7.20 15.13
C PHE A 43 1.02 6.40 16.12
N TRP A 44 1.59 5.28 15.67
CA TRP A 44 2.32 4.42 16.58
C TRP A 44 3.73 4.92 16.86
N ASN A 45 4.33 5.67 15.94
CA ASN A 45 5.52 6.44 16.31
C ASN A 45 5.24 7.31 17.52
N ASP A 46 4.17 8.11 17.43
CA ASP A 46 3.81 8.97 18.56
C ASP A 46 3.54 8.15 19.81
N PHE A 47 2.82 7.03 19.67
CA PHE A 47 2.49 6.21 20.83
C PHE A 47 3.74 5.67 21.51
N VAL A 48 4.66 5.10 20.73
CA VAL A 48 5.89 4.54 21.29
C VAL A 48 6.69 5.62 21.99
N ARG A 49 6.76 6.81 21.38
CA ARG A 49 7.46 7.91 22.04
C ARG A 49 6.82 8.26 23.37
N VAL A 50 5.48 8.35 23.41
CA VAL A 50 4.81 8.82 24.61
C VAL A 50 4.89 7.80 25.73
N THR A 51 4.66 6.53 25.42
CA THR A 51 4.53 5.50 26.45
C THR A 51 5.85 4.82 26.78
N ARG A 52 6.91 5.08 26.02
CA ARG A 52 8.21 4.45 26.24
C ARG A 52 8.13 2.93 26.13
N SER A 53 7.16 2.44 25.35
CA SER A 53 7.08 1.01 25.06
C SER A 53 8.33 0.54 24.35
N SER A 54 8.76 -0.68 24.66
CA SER A 54 9.98 -1.23 24.09
C SER A 54 9.78 -1.86 22.71
N LYS A 55 8.54 -2.01 22.25
CA LYS A 55 8.28 -2.56 20.93
C LYS A 55 8.26 -1.45 19.89
N SER A 56 8.60 -1.81 18.66
CA SER A 56 8.72 -0.83 17.59
C SER A 56 7.36 -0.38 17.10
N ALA A 57 7.35 0.77 16.41
CA ALA A 57 6.10 1.32 15.89
C ALA A 57 5.52 0.46 14.79
N THR A 58 6.36 -0.11 13.93
CA THR A 58 5.85 -0.96 12.86
C THR A 58 5.27 -2.25 13.41
N ASN A 59 5.91 -2.82 14.44
CA ASN A 59 5.36 -3.98 15.12
C ASN A 59 4.00 -3.65 15.72
N TRP A 60 3.91 -2.50 16.41
CA TRP A 60 2.64 -2.09 17.02
C TRP A 60 1.56 -1.92 15.98
N SER A 61 1.88 -1.28 14.85
CA SER A 61 0.87 -1.04 13.81
C SER A 61 0.34 -2.36 13.27
N SER A 62 1.24 -3.29 12.92
CA SER A 62 0.82 -4.59 12.42
C SER A 62 -0.03 -5.32 13.46
N HIS A 63 0.43 -5.33 14.71
CA HIS A 63 -0.26 -6.05 15.77
C HIS A 63 -1.66 -5.48 16.01
N PHE A 64 -1.76 -4.15 16.08
CA PHE A 64 -3.05 -3.49 16.26
C PHE A 64 -4.01 -3.88 15.14
N ARG A 65 -3.55 -3.77 13.88
CA ARG A 65 -4.43 -4.07 12.77
C ARG A 65 -4.87 -5.52 12.76
N LYS A 66 -3.95 -6.44 13.04
CA LYS A 66 -4.23 -7.85 12.82
C LYS A 66 -4.77 -8.56 14.06
N ILE A 67 -4.38 -8.13 15.26
CA ILE A 67 -4.73 -8.83 16.49
C ILE A 67 -5.68 -8.00 17.35
N MET A 68 -5.35 -6.73 17.60
CA MET A 68 -6.09 -5.95 18.60
C MET A 68 -7.51 -5.66 18.14
N CYS A 69 -7.68 -5.25 16.88
CA CYS A 69 -9.01 -4.95 16.37
C CYS A 69 -9.95 -6.14 16.43
N PRO A 70 -9.59 -7.34 15.95
CA PRO A 70 -10.52 -8.47 16.06
C PRO A 70 -10.79 -8.88 17.50
N GLY A 71 -9.91 -8.56 18.44
CA GLY A 71 -10.08 -8.92 19.83
C GLY A 71 -10.59 -7.83 20.75
N LEU A 72 -10.91 -6.65 20.21
CA LEU A 72 -11.32 -5.53 21.05
C LEU A 72 -12.49 -5.89 21.96
N HIS A 73 -13.43 -6.70 21.47
CA HIS A 73 -14.62 -6.98 22.26
C HIS A 73 -14.31 -7.78 23.53
N GLU A 74 -13.16 -8.43 23.59
CA GLU A 74 -12.77 -9.23 24.75
C GLU A 74 -11.93 -8.44 25.75
N MET A 75 -11.73 -7.15 25.53
CA MET A 75 -10.83 -6.37 26.36
C MET A 75 -11.44 -6.14 27.75
N PRO A 76 -10.60 -6.12 28.80
CA PRO A 76 -11.06 -5.70 30.13
C PRO A 76 -11.24 -4.18 30.21
N LEU A 77 -12.24 -3.69 29.48
CA LEU A 77 -12.59 -2.28 29.46
C LEU A 77 -14.10 -2.16 29.64
N HIS A 78 -14.54 -0.98 30.07
CA HIS A 78 -15.97 -0.73 30.18
C HIS A 78 -16.61 -0.85 28.81
N LYS A 79 -17.78 -1.50 28.76
CA LYS A 79 -18.42 -1.76 27.48
C LYS A 79 -18.76 -0.47 26.74
N LYS A 80 -18.96 0.63 27.46
CA LYS A 80 -19.17 1.92 26.82
C LYS A 80 -17.96 2.32 25.99
N THR A 81 -16.77 2.16 26.57
CA THR A 81 -15.55 2.48 25.83
C THR A 81 -15.35 1.53 24.66
N ILE A 82 -15.59 0.23 24.88
CA ILE A 82 -15.42 -0.75 23.82
C ILE A 82 -16.32 -0.43 22.64
N LEU A 83 -17.58 -0.09 22.93
CA LEU A 83 -18.52 0.20 21.86
C LEU A 83 -18.23 1.54 21.19
N TYR A 84 -17.75 2.54 21.95
CA TYR A 84 -17.27 3.77 21.33
C TYR A 84 -16.15 3.47 20.34
N LEU A 85 -15.19 2.65 20.75
CA LEU A 85 -14.07 2.32 19.87
C LEU A 85 -14.54 1.54 18.64
N LEU A 86 -15.45 0.59 18.83
CA LEU A 86 -16.00 -0.14 17.69
C LEU A 86 -16.72 0.80 16.73
N LYS A 87 -17.38 1.82 17.28
CA LYS A 87 -18.14 2.74 16.42
C LYS A 87 -17.23 3.70 15.67
N ASN A 88 -16.09 4.08 16.26
CA ASN A 88 -15.26 5.13 15.66
C ASN A 88 -13.96 4.59 15.06
N ILE A 89 -13.82 3.28 14.92
CA ILE A 89 -12.68 2.68 14.25
C ILE A 89 -13.22 1.65 13.25
N GLY A 90 -12.59 1.57 12.08
CA GLY A 90 -12.96 0.57 11.10
C GLY A 90 -12.65 -0.83 11.58
N ILE A 91 -13.60 -1.46 12.26
CA ILE A 91 -13.42 -2.79 12.82
C ILE A 91 -14.61 -3.65 12.42
N GLU A 92 -14.36 -4.69 11.66
CA GLU A 92 -15.43 -5.56 11.18
C GLU A 92 -15.90 -6.48 12.29
N ILE A 93 -17.20 -6.76 12.30
CA ILE A 93 -17.84 -7.59 13.30
C ILE A 93 -18.63 -8.66 12.56
N ASP A 94 -18.17 -9.90 12.61
CA ASP A 94 -18.95 -10.95 11.99
C ASP A 94 -20.12 -11.35 12.89
N LYS A 95 -20.99 -12.22 12.36
CA LYS A 95 -22.22 -12.55 13.06
C LYS A 95 -21.94 -13.16 14.43
N GLU A 96 -20.97 -14.07 14.49
CA GLU A 96 -20.61 -14.72 15.75
C GLU A 96 -20.14 -13.69 16.79
N THR A 97 -19.26 -12.79 16.38
CA THR A 97 -18.78 -11.76 17.30
C THR A 97 -19.91 -10.82 17.70
N GLU A 98 -20.81 -10.51 16.76
CA GLU A 98 -21.97 -9.67 17.08
C GLU A 98 -22.82 -10.29 18.17
N GLN A 99 -23.10 -11.58 18.05
CA GLN A 99 -23.90 -12.26 19.07
C GLN A 99 -23.15 -12.32 20.40
N ILE A 100 -21.84 -12.58 20.36
CA ILE A 100 -21.06 -12.61 21.60
C ILE A 100 -21.13 -11.26 22.29
N ILE A 101 -21.00 -10.17 21.53
CA ILE A 101 -21.07 -8.83 22.10
C ILE A 101 -22.44 -8.59 22.71
N GLU A 102 -23.50 -8.95 21.97
CA GLU A 102 -24.86 -8.70 22.46
C GLU A 102 -25.13 -9.46 23.76
N ARG A 103 -24.61 -10.67 23.88
CA ARG A 103 -24.80 -11.43 25.13
C ARG A 103 -23.95 -10.87 26.25
N LYS A 104 -22.67 -10.57 25.98
CA LYS A 104 -21.76 -10.17 27.05
C LYS A 104 -22.10 -8.79 27.60
N PHE A 105 -22.58 -7.89 26.75
CA PHE A 105 -22.82 -6.52 27.16
C PHE A 105 -24.30 -6.21 27.40
N ASN A 106 -25.20 -7.15 27.11
CA ASN A 106 -26.64 -6.94 27.22
C ASN A 106 -27.08 -5.73 26.40
N VAL A 107 -26.76 -5.79 25.11
CA VAL A 107 -27.07 -4.74 24.15
C VAL A 107 -27.62 -5.39 22.89
N LYS A 108 -28.23 -4.58 22.03
CA LYS A 108 -28.63 -4.98 20.69
C LYS A 108 -27.82 -4.16 19.70
N LEU A 109 -27.09 -4.83 18.83
CA LEU A 109 -26.25 -4.15 17.85
C LEU A 109 -26.96 -3.98 16.52
N LEU A 110 -26.80 -2.80 15.93
CA LEU A 110 -27.10 -2.56 14.53
C LEU A 110 -25.77 -2.43 13.80
N VAL A 111 -25.46 -3.45 13.00
CA VAL A 111 -24.21 -3.56 12.27
C VAL A 111 -24.51 -3.39 10.78
N GLY A 112 -23.70 -2.59 10.09
CA GLY A 112 -23.97 -2.26 8.72
C GLY A 112 -23.54 -3.32 7.73
N ILE A 113 -23.78 -3.02 6.45
CA ILE A 113 -23.43 -3.95 5.37
C ILE A 113 -21.93 -4.15 5.28
N ASP A 114 -21.14 -3.15 5.67
CA ASP A 114 -19.70 -3.31 5.75
C ASP A 114 -19.25 -4.04 7.01
N ARG A 115 -20.19 -4.61 7.76
CA ARG A 115 -19.93 -5.31 9.02
C ARG A 115 -19.27 -4.42 10.06
N ASN A 116 -19.41 -3.11 9.93
CA ASN A 116 -18.99 -2.17 10.95
C ASN A 116 -20.18 -1.79 11.82
N LEU A 117 -19.91 -1.51 13.09
CA LEU A 117 -20.98 -1.12 14.01
C LEU A 117 -21.59 0.22 13.59
N ILE A 118 -22.90 0.21 13.38
CA ILE A 118 -23.64 1.45 13.18
C ILE A 118 -24.08 2.04 14.51
N SER A 119 -24.75 1.24 15.34
CA SER A 119 -25.23 1.75 16.62
C SER A 119 -25.56 0.58 17.54
N TYR A 120 -25.94 0.90 18.78
CA TYR A 120 -26.38 -0.14 19.69
C TYR A 120 -27.39 0.44 20.67
N LYS A 121 -28.26 -0.44 21.15
CA LYS A 121 -29.27 -0.10 22.15
C LYS A 121 -28.93 -0.84 23.44
N LEU A 122 -28.82 -0.09 24.54
CA LEU A 122 -28.54 -0.69 25.83
C LEU A 122 -29.83 -1.27 26.41
N LEU A 123 -29.83 -2.58 26.65
CA LEU A 123 -31.01 -3.24 27.18
C LEU A 123 -31.05 -3.30 28.70
N ASP A 124 -30.00 -2.80 29.36
CA ASP A 124 -29.93 -2.80 30.83
C ASP A 124 -31.18 -2.20 31.46
N LYS D 2 -12.57 4.95 5.14
CA LYS D 2 -13.35 4.09 6.02
C LYS D 2 -13.47 2.69 5.44
N ARG D 3 -13.75 2.60 4.13
CA ARG D 3 -13.95 1.31 3.50
C ARG D 3 -12.67 0.50 3.50
N ILE D 4 -12.75 -0.72 4.04
CA ILE D 4 -11.66 -1.68 3.96
C ILE D 4 -11.45 -2.07 2.50
N GLU D 5 -10.25 -1.86 1.99
CA GLU D 5 -9.94 -2.09 0.59
C GLU D 5 -9.25 -3.44 0.40
N LYS D 6 -9.55 -4.08 -0.71
CA LYS D 6 -8.80 -5.25 -1.16
C LYS D 6 -7.78 -4.80 -2.20
N ARG D 7 -6.66 -5.50 -2.27
CA ARG D 7 -5.58 -5.13 -3.18
C ARG D 7 -5.23 -6.29 -4.08
N THR D 8 -5.06 -6.00 -5.37
CA THR D 8 -4.68 -6.98 -6.38
C THR D 8 -3.30 -6.64 -6.92
N LYS D 9 -2.43 -7.64 -6.95
CA LYS D 9 -1.06 -7.44 -7.41
C LYS D 9 -1.01 -7.24 -8.93
N PHE D 10 0.05 -6.59 -9.37
CA PHE D 10 0.36 -6.53 -10.79
C PHE D 10 1.05 -7.82 -11.22
N THR D 11 0.52 -8.46 -12.24
CA THR D 11 1.06 -9.74 -12.69
C THR D 11 2.16 -9.53 -13.73
N VAL D 12 2.90 -10.60 -14.01
CA VAL D 12 3.88 -10.58 -15.08
C VAL D 12 3.20 -10.26 -16.41
N ASP D 13 1.99 -10.78 -16.61
CA ASP D 13 1.26 -10.50 -17.84
C ASP D 13 0.87 -9.03 -17.92
N ASP D 14 0.48 -8.43 -16.79
CA ASP D 14 0.23 -7.00 -16.76
C ASP D 14 1.45 -6.22 -17.24
N HIS D 15 2.63 -6.62 -16.76
CA HIS D 15 3.85 -5.92 -17.16
C HIS D 15 4.15 -6.12 -18.65
N VAL D 16 3.98 -7.35 -19.15
CA VAL D 16 4.22 -7.60 -20.56
C VAL D 16 3.31 -6.73 -21.42
N VAL D 17 2.01 -6.73 -21.11
CA VAL D 17 1.06 -5.93 -21.88
C VAL D 17 1.42 -4.45 -21.81
N ALA D 18 1.68 -3.95 -20.60
CA ALA D 18 1.96 -2.52 -20.44
C ALA D 18 3.24 -2.12 -21.18
N TRP D 19 4.30 -2.91 -21.04
CA TRP D 19 5.56 -2.56 -21.68
C TRP D 19 5.45 -2.62 -23.20
N LYS D 20 4.75 -3.61 -23.74
CA LYS D 20 4.59 -3.68 -25.19
C LYS D 20 3.77 -2.50 -25.70
N PHE D 21 2.71 -2.14 -24.96
CA PHE D 21 1.93 -0.95 -25.27
C PHE D 21 2.83 0.28 -25.32
N ILE D 22 3.67 0.45 -24.30
CA ILE D 22 4.55 1.61 -24.23
C ILE D 22 5.52 1.62 -25.40
N TYR D 23 6.10 0.47 -25.73
CA TYR D 23 7.06 0.40 -26.82
C TYR D 23 6.43 0.78 -28.14
N GLU D 24 5.27 0.19 -28.45
CA GLU D 24 4.61 0.48 -29.71
C GLU D 24 4.20 1.95 -29.79
N LYS D 25 3.66 2.50 -28.70
CA LYS D 25 3.28 3.90 -28.72
C LYS D 25 4.48 4.82 -28.87
N LEU D 26 5.62 4.47 -28.27
CA LEU D 26 6.82 5.28 -28.46
C LEU D 26 7.30 5.24 -29.90
N VAL D 27 7.26 4.07 -30.53
CA VAL D 27 7.67 3.97 -31.93
C VAL D 27 6.78 4.82 -32.82
N GLU D 28 5.47 4.70 -32.64
CA GLU D 28 4.55 5.48 -33.45
C GLU D 28 4.70 6.97 -33.18
N ALA D 29 4.93 7.36 -31.92
CA ALA D 29 5.12 8.75 -31.58
C ALA D 29 6.39 9.31 -32.21
N ASP D 30 7.44 8.49 -32.27
CA ASP D 30 8.65 8.92 -32.98
C ASP D 30 8.36 9.15 -34.45
N LYS D 31 7.58 8.26 -35.07
CA LYS D 31 7.21 8.47 -36.47
C LYS D 31 6.40 9.75 -36.65
N GLU D 32 5.51 10.06 -35.70
CA GLU D 32 4.60 11.18 -35.84
C GLU D 32 5.10 12.47 -35.18
N GLY D 33 6.15 12.40 -34.38
CA GLY D 33 6.69 13.58 -33.72
C GLY D 33 6.09 13.90 -32.37
N VAL D 34 5.32 13.00 -31.78
CA VAL D 34 4.73 13.25 -30.47
C VAL D 34 5.71 12.81 -29.39
N GLN D 35 5.79 13.58 -28.31
CA GLN D 35 6.59 13.21 -27.15
C GLN D 35 5.66 12.67 -26.08
N LEU D 36 5.73 11.37 -25.84
CA LEU D 36 4.94 10.74 -24.79
C LEU D 36 5.74 10.70 -23.49
N MET D 37 5.02 10.76 -22.38
CA MET D 37 5.63 10.81 -21.05
C MET D 37 4.98 9.76 -20.16
N PRO D 38 5.53 8.54 -20.14
CA PRO D 38 4.91 7.46 -19.36
C PRO D 38 4.99 7.65 -17.86
N LYS D 39 5.86 8.52 -17.36
CA LYS D 39 5.90 8.84 -15.94
C LYS D 39 4.91 9.93 -15.56
N GLY D 40 4.15 10.45 -16.53
CA GLY D 40 3.04 11.33 -16.25
C GLY D 40 1.78 10.54 -15.96
N ILE D 41 0.65 11.20 -16.14
CA ILE D 41 -0.62 10.55 -15.85
C ILE D 41 -1.52 10.51 -17.09
N ALA D 42 -1.32 11.45 -18.01
CA ALA D 42 -2.12 11.47 -19.22
C ALA D 42 -1.93 10.21 -20.04
N PHE D 43 -0.68 9.78 -20.21
CA PHE D 43 -0.38 8.51 -20.86
C PHE D 43 -1.20 7.38 -20.25
N TRP D 44 -1.31 7.35 -18.92
CA TRP D 44 -1.99 6.24 -18.28
C TRP D 44 -3.50 6.43 -18.25
N ASN D 45 -4.00 7.67 -18.28
CA ASN D 45 -5.39 7.89 -18.61
C ASN D 45 -5.73 7.21 -19.93
N ASP D 46 -4.92 7.47 -20.97
CA ASP D 46 -5.17 6.86 -22.27
C ASP D 46 -5.02 5.34 -22.23
N PHE D 47 -4.01 4.84 -21.50
CA PHE D 47 -3.82 3.40 -21.41
C PHE D 47 -5.01 2.73 -20.74
N VAL D 48 -5.52 3.31 -19.66
CA VAL D 48 -6.65 2.74 -18.94
C VAL D 48 -7.90 2.77 -19.81
N ARG D 49 -8.09 3.86 -20.57
CA ARG D 49 -9.24 3.90 -21.47
C ARG D 49 -9.14 2.85 -22.56
N VAL D 50 -7.96 2.70 -23.16
CA VAL D 50 -7.81 1.82 -24.32
C VAL D 50 -7.90 0.35 -23.91
N THR D 51 -7.12 -0.04 -22.90
CA THR D 51 -7.13 -1.42 -22.45
C THR D 51 -8.32 -1.74 -21.53
N ARG D 52 -9.06 -0.72 -21.10
CA ARG D 52 -10.14 -0.87 -20.11
C ARG D 52 -9.66 -1.65 -18.89
N SER D 53 -8.52 -1.21 -18.36
CA SER D 53 -7.94 -1.83 -17.17
C SER D 53 -8.82 -1.59 -15.95
N SER D 54 -8.77 -2.54 -15.01
CA SER D 54 -9.48 -2.41 -13.75
C SER D 54 -8.77 -1.49 -12.77
N LYS D 55 -7.52 -1.12 -13.05
CA LYS D 55 -6.73 -0.26 -12.17
C LYS D 55 -6.77 1.18 -12.67
N SER D 56 -6.63 2.12 -11.74
CA SER D 56 -6.71 3.53 -12.05
C SER D 56 -5.44 4.01 -12.75
N ALA D 57 -5.54 5.20 -13.35
CA ALA D 57 -4.39 5.77 -14.04
C ALA D 57 -3.32 6.22 -13.06
N THR D 58 -3.73 6.79 -11.93
CA THR D 58 -2.73 7.23 -10.95
C THR D 58 -2.00 6.05 -10.34
N ASN D 59 -2.72 4.95 -10.08
CA ASN D 59 -2.08 3.73 -9.61
C ASN D 59 -1.08 3.21 -10.64
N TRP D 60 -1.48 3.17 -11.91
CA TRP D 60 -0.58 2.70 -12.97
C TRP D 60 0.66 3.57 -13.06
N SER D 61 0.48 4.89 -12.98
CA SER D 61 1.62 5.80 -13.08
C SER D 61 2.61 5.56 -11.95
N SER D 62 2.10 5.53 -10.71
CA SER D 62 2.96 5.29 -9.55
C SER D 62 3.67 3.94 -9.67
N HIS D 63 2.93 2.89 -10.06
CA HIS D 63 3.53 1.57 -10.14
C HIS D 63 4.58 1.48 -11.24
N PHE D 64 4.27 2.04 -12.42
CA PHE D 64 5.25 2.07 -13.50
C PHE D 64 6.53 2.76 -13.06
N ARG D 65 6.40 3.93 -12.42
CA ARG D 65 7.60 4.65 -12.00
C ARG D 65 8.38 3.88 -10.94
N LYS D 66 7.69 3.30 -9.97
CA LYS D 66 8.38 2.74 -8.81
C LYS D 66 8.80 1.28 -8.98
N ILE D 67 8.04 0.48 -9.70
CA ILE D 67 8.27 -0.97 -9.80
C ILE D 67 8.72 -1.36 -11.20
N MET D 68 7.98 -0.93 -12.23
CA MET D 68 8.26 -1.42 -13.58
C MET D 68 9.59 -0.89 -14.10
N CYS D 69 9.86 0.40 -13.92
CA CYS D 69 11.11 0.97 -14.43
C CYS D 69 12.35 0.34 -13.81
N PRO D 70 12.45 0.15 -12.49
CA PRO D 70 13.65 -0.54 -11.96
C PRO D 70 13.77 -1.98 -12.40
N GLY D 71 12.67 -2.64 -12.78
CA GLY D 71 12.71 -4.01 -13.21
C GLY D 71 12.69 -4.24 -14.71
N LEU D 72 12.74 -3.17 -15.51
CA LEU D 72 12.64 -3.33 -16.97
C LEU D 72 13.71 -4.26 -17.52
N HIS D 73 14.94 -4.17 -17.02
CA HIS D 73 16.02 -4.95 -17.61
C HIS D 73 15.90 -6.44 -17.32
N GLU D 74 15.04 -6.85 -16.40
CA GLU D 74 14.79 -8.25 -16.11
C GLU D 74 13.50 -8.75 -16.76
N MET D 75 12.82 -7.94 -17.54
CA MET D 75 11.56 -8.33 -18.16
C MET D 75 11.78 -9.42 -19.20
N PRO D 76 10.82 -10.35 -19.33
CA PRO D 76 10.89 -11.32 -20.42
C PRO D 76 10.56 -10.68 -21.77
N LEU D 77 11.42 -9.78 -22.22
CA LEU D 77 11.26 -9.09 -23.49
C LEU D 77 12.56 -9.17 -24.26
N HIS D 78 12.47 -8.93 -25.57
CA HIS D 78 13.66 -8.91 -26.41
C HIS D 78 14.60 -7.80 -25.94
N LYS D 79 15.91 -8.09 -25.97
CA LYS D 79 16.87 -7.15 -25.41
C LYS D 79 16.89 -5.83 -26.18
N LYS D 80 16.62 -5.86 -27.49
CA LYS D 80 16.55 -4.62 -28.26
C LYS D 80 15.39 -3.75 -27.78
N THR D 81 14.24 -4.37 -27.49
CA THR D 81 13.11 -3.62 -26.93
C THR D 81 13.49 -2.99 -25.59
N ILE D 82 14.14 -3.76 -24.72
CA ILE D 82 14.56 -3.27 -23.42
C ILE D 82 15.50 -2.08 -23.57
N LEU D 83 16.46 -2.19 -24.49
CA LEU D 83 17.43 -1.11 -24.67
C LEU D 83 16.77 0.14 -25.24
N TYR D 84 15.87 -0.02 -26.21
CA TYR D 84 15.12 1.13 -26.73
C TYR D 84 14.35 1.82 -25.60
N LEU D 85 13.68 1.04 -24.76
CA LEU D 85 12.89 1.63 -23.68
C LEU D 85 13.78 2.34 -22.67
N LEU D 86 14.90 1.72 -22.29
CA LEU D 86 15.84 2.34 -21.36
C LEU D 86 16.38 3.65 -21.92
N LYS D 87 16.66 3.68 -23.23
CA LYS D 87 17.23 4.88 -23.83
C LYS D 87 16.20 5.98 -23.98
N ASN D 88 14.93 5.64 -24.22
CA ASN D 88 13.95 6.66 -24.56
C ASN D 88 13.01 7.01 -23.43
N ILE D 89 13.12 6.38 -22.27
CA ILE D 89 12.25 6.70 -21.14
C ILE D 89 12.95 7.46 -20.03
N GLY D 90 14.24 7.22 -19.80
CA GLY D 90 14.91 7.90 -18.72
C GLY D 90 14.81 7.13 -17.42
N ILE D 91 15.35 5.91 -17.44
CA ILE D 91 15.31 4.99 -16.31
C ILE D 91 16.71 4.87 -15.75
N GLU D 92 16.83 5.06 -14.45
CA GLU D 92 18.15 5.02 -13.82
C GLU D 92 18.73 3.63 -13.85
N ILE D 93 20.04 3.55 -14.07
CA ILE D 93 20.78 2.29 -14.10
C ILE D 93 22.03 2.50 -13.25
N ASP D 94 22.07 1.85 -12.07
CA ASP D 94 23.26 1.97 -11.25
C ASP D 94 24.42 1.21 -11.89
N LYS D 95 25.62 1.39 -11.32
CA LYS D 95 26.82 0.79 -11.92
C LYS D 95 26.70 -0.72 -12.01
N GLU D 96 26.26 -1.37 -10.93
CA GLU D 96 26.13 -2.82 -10.94
C GLU D 96 25.16 -3.28 -12.02
N THR D 97 24.00 -2.61 -12.12
CA THR D 97 23.04 -2.96 -13.15
C THR D 97 23.60 -2.71 -14.54
N GLU D 98 24.39 -1.63 -14.68
CA GLU D 98 25.04 -1.38 -15.97
C GLU D 98 25.91 -2.56 -16.38
N GLN D 99 26.75 -3.04 -15.46
CA GLN D 99 27.62 -4.18 -15.77
C GLN D 99 26.78 -5.41 -16.07
N ILE D 100 25.72 -5.64 -15.29
CA ILE D 100 24.86 -6.82 -15.50
C ILE D 100 24.25 -6.79 -16.88
N ILE D 101 23.75 -5.62 -17.31
CA ILE D 101 23.14 -5.51 -18.63
C ILE D 101 24.17 -5.71 -19.72
N GLU D 102 25.31 -5.03 -19.60
CA GLU D 102 26.37 -5.18 -20.60
C GLU D 102 26.77 -6.63 -20.77
N ARG D 103 26.80 -7.39 -19.67
CA ARG D 103 27.19 -8.79 -19.76
C ARG D 103 26.09 -9.66 -20.35
N LYS D 104 24.87 -9.58 -19.81
CA LYS D 104 23.84 -10.52 -20.25
C LYS D 104 23.29 -10.19 -21.63
N PHE D 105 23.42 -8.95 -22.09
CA PHE D 105 22.91 -8.57 -23.40
C PHE D 105 24.02 -8.44 -24.45
N ASN D 106 25.28 -8.54 -24.05
CA ASN D 106 26.41 -8.37 -24.96
C ASN D 106 26.34 -7.01 -25.66
N VAL D 107 26.23 -5.97 -24.84
CA VAL D 107 26.10 -4.60 -25.33
C VAL D 107 27.10 -3.72 -24.59
N LYS D 108 27.24 -2.50 -25.10
CA LYS D 108 28.09 -1.49 -24.49
C LYS D 108 27.21 -0.30 -24.16
N LEU D 109 27.12 0.03 -22.88
CA LEU D 109 26.24 1.10 -22.42
C LEU D 109 27.04 2.37 -22.16
N LEU D 110 26.42 3.51 -22.44
CA LEU D 110 26.95 4.82 -22.07
C LEU D 110 25.88 5.47 -21.21
N VAL D 111 26.18 5.55 -19.92
CA VAL D 111 25.27 6.00 -18.88
C VAL D 111 25.82 7.30 -18.29
N GLY D 112 24.96 8.31 -18.17
CA GLY D 112 25.38 9.62 -17.73
C GLY D 112 25.52 9.74 -16.21
N ILE D 113 25.77 10.97 -15.77
CA ILE D 113 25.96 11.23 -14.34
C ILE D 113 24.65 11.23 -13.58
N ASP D 114 23.52 11.35 -14.27
CA ASP D 114 22.21 11.11 -13.67
C ASP D 114 21.81 9.65 -13.73
N ARG D 115 22.73 8.77 -14.12
CA ARG D 115 22.50 7.34 -14.27
C ARG D 115 21.42 7.02 -15.31
N ASN D 116 21.13 7.95 -16.21
CA ASN D 116 20.26 7.66 -17.35
C ASN D 116 21.09 7.21 -18.55
N LEU D 117 20.47 6.39 -19.40
CA LEU D 117 21.18 5.79 -20.53
C LEU D 117 21.33 6.83 -21.63
N ILE D 118 22.57 7.23 -21.90
CA ILE D 118 22.82 8.15 -23.01
C ILE D 118 22.77 7.39 -24.33
N SER D 119 23.51 6.30 -24.44
CA SER D 119 23.52 5.56 -25.70
C SER D 119 23.94 4.11 -25.44
N TYR D 120 23.85 3.30 -26.49
CA TYR D 120 24.27 1.92 -26.38
C TYR D 120 24.70 1.42 -27.75
N LYS D 121 25.58 0.42 -27.73
CA LYS D 121 26.10 -0.23 -28.93
C LYS D 121 25.85 -1.73 -28.81
N LEU D 122 25.07 -2.27 -29.75
CA LEU D 122 24.77 -3.70 -29.83
C LEU D 122 26.01 -4.43 -30.35
N LEU D 123 26.89 -4.83 -29.44
CA LEU D 123 28.13 -5.51 -29.81
C LEU D 123 27.84 -7.01 -29.95
N ASP D 124 27.23 -7.37 -31.07
CA ASP D 124 26.92 -8.76 -31.33
C ASP D 124 27.22 -9.11 -32.79
#